data_3QFQ
#
_entry.id   3QFQ
#
_cell.length_a   80.400
_cell.length_b   171.340
_cell.length_c   51.280
_cell.angle_alpha   90.00
_cell.angle_beta   90.00
_cell.angle_gamma   90.00
#
_symmetry.space_group_name_H-M   'P 21 21 2'
#
loop_
_entity.id
_entity.type
_entity.pdbx_description
1 polymer 'Large T antigen'
2 polymer 'DNA (26-MER)'
3 polymer 'DNA (26-MER)'
4 water water
#
loop_
_entity_poly.entity_id
_entity_poly.type
_entity_poly.pdbx_seq_one_letter_code
_entity_poly.pdbx_strand_id
1 'polypeptide(L)'
;MGHHHHHHGETPVPTDFPIDLSDYLSHAVYSNKTVSCFAIYTTSDKAIELYDKIEKFKVDFKSRHACELGCILLFITLSK
HRVSAIKNFCSTFCTISFLICKGVNKMPEMYNNLCKPPYKLLQENKPLLNYEFQE
;
A,B,E
2 'polydeoxyribonucleotide'
;(DG)(DC)(DA)(DG)(DA)(DG)(DG)(DC)(DT)(DT)(DG)(DG)(DG)(DG)(DC)(DT)(DC)(DC)(DT)(DA)
(DG)(DC)(DC)(DT)(DC)(DC)
;
W
3 'polydeoxyribonucleotide'
;(DC)(DG)(DG)(DA)(DG)(DG)(DC)(DT)(DA)(DG)(DG)(DA)(DG)(DC)(DC)(DC)(DC)(DA)(DA)(DG)
(DC)(DC)(DT)(DC)(DT)(DG)
;
C
#
# COMPACT_ATOMS: atom_id res chain seq x y z
N THR A 11 -3.73 -49.92 -16.78
CA THR A 11 -4.48 -48.69 -16.97
C THR A 11 -3.89 -47.82 -18.07
N PRO A 12 -4.69 -47.57 -19.13
CA PRO A 12 -4.28 -46.72 -20.24
C PRO A 12 -4.65 -45.26 -19.98
N VAL A 13 -3.86 -44.55 -19.19
CA VAL A 13 -4.15 -43.15 -18.85
C VAL A 13 -4.15 -42.28 -20.09
N PRO A 14 -5.16 -41.42 -20.20
CA PRO A 14 -5.32 -40.56 -21.37
C PRO A 14 -4.75 -39.16 -21.17
N THR A 15 -4.21 -38.59 -22.24
CA THR A 15 -3.69 -37.23 -22.25
C THR A 15 -4.19 -36.47 -23.46
N ASP A 16 -4.84 -35.33 -23.22
CA ASP A 16 -5.43 -34.50 -24.28
C ASP A 16 -6.74 -35.08 -24.83
N PHE A 17 -7.67 -34.21 -25.20
CA PHE A 17 -8.97 -34.64 -25.69
C PHE A 17 -8.83 -35.63 -26.85
N PRO A 18 -9.80 -36.53 -26.99
CA PRO A 18 -9.79 -37.49 -28.10
C PRO A 18 -9.72 -36.77 -29.45
N ILE A 19 -9.11 -37.42 -30.43
CA ILE A 19 -8.87 -36.79 -31.72
C ILE A 19 -10.16 -36.48 -32.47
N ASP A 20 -11.25 -37.16 -32.09
CA ASP A 20 -12.52 -37.04 -32.82
C ASP A 20 -13.22 -35.72 -32.51
N LEU A 21 -12.56 -34.86 -31.75
CA LEU A 21 -13.13 -33.56 -31.41
C LEU A 21 -12.04 -32.52 -31.21
N SER A 22 -10.81 -32.88 -31.55
CA SER A 22 -9.67 -31.99 -31.41
C SER A 22 -9.62 -30.96 -32.55
N ASP A 23 -10.80 -30.58 -33.04
CA ASP A 23 -10.90 -29.55 -34.07
C ASP A 23 -11.92 -28.49 -33.63
N TYR A 24 -12.56 -28.73 -32.50
CA TYR A 24 -13.51 -27.79 -31.91
C TYR A 24 -12.84 -27.03 -30.78
N LEU A 25 -11.54 -27.26 -30.60
CA LEU A 25 -10.82 -26.70 -29.47
C LEU A 25 -9.74 -25.71 -29.89
N SER A 26 -9.29 -24.90 -28.93
CA SER A 26 -8.21 -23.95 -29.14
C SER A 26 -6.87 -24.59 -28.81
N HIS A 27 -5.94 -24.54 -29.75
CA HIS A 27 -4.63 -25.14 -29.56
C HIS A 27 -3.55 -24.07 -29.52
N ALA A 28 -3.82 -22.99 -28.80
CA ALA A 28 -2.88 -21.89 -28.67
C ALA A 28 -2.06 -22.04 -27.40
N VAL A 29 -0.74 -22.00 -27.55
CA VAL A 29 0.17 -22.16 -26.42
C VAL A 29 0.91 -20.86 -26.10
N TYR A 30 1.21 -20.09 -27.13
CA TYR A 30 1.92 -18.82 -26.95
C TYR A 30 1.00 -17.62 -27.20
N SER A 31 -0.28 -17.80 -26.91
CA SER A 31 -1.25 -16.73 -27.13
C SER A 31 -1.76 -16.15 -25.82
N ASN A 32 -1.71 -14.82 -25.71
CA ASN A 32 -2.22 -14.13 -24.52
C ASN A 32 -3.70 -13.82 -24.63
N LYS A 33 -4.35 -14.41 -25.62
CA LYS A 33 -5.76 -14.15 -25.87
C LYS A 33 -6.64 -14.59 -24.70
N THR A 34 -7.82 -13.98 -24.61
CA THR A 34 -8.81 -14.33 -23.59
C THR A 34 -10.11 -14.81 -24.23
N VAL A 35 -10.41 -16.10 -24.08
CA VAL A 35 -11.61 -16.69 -24.66
C VAL A 35 -12.78 -16.68 -23.69
N SER A 36 -13.81 -17.47 -23.98
CA SER A 36 -15.01 -17.50 -23.16
C SER A 36 -15.47 -18.91 -22.81
N CYS A 37 -15.46 -19.79 -23.80
CA CYS A 37 -15.89 -21.16 -23.62
C CYS A 37 -14.69 -22.06 -23.33
N PHE A 38 -14.82 -22.92 -22.32
CA PHE A 38 -13.72 -23.78 -21.93
C PHE A 38 -14.17 -25.22 -21.80
N ALA A 39 -13.22 -26.14 -21.92
CA ALA A 39 -13.53 -27.56 -21.82
C ALA A 39 -12.46 -28.29 -21.00
N ILE A 40 -12.91 -29.01 -19.98
CA ILE A 40 -12.02 -29.79 -19.14
C ILE A 40 -12.29 -31.28 -19.29
N TYR A 41 -11.24 -32.08 -19.29
CA TYR A 41 -11.35 -33.52 -19.47
C TYR A 41 -10.68 -34.25 -18.31
N THR A 42 -11.38 -34.31 -17.17
CA THR A 42 -10.85 -34.97 -15.97
C THR A 42 -11.53 -36.31 -15.69
N THR A 43 -11.80 -36.57 -14.41
CA THR A 43 -12.44 -37.81 -13.98
C THR A 43 -13.94 -37.60 -13.76
N SER A 44 -14.67 -38.69 -13.55
CA SER A 44 -16.11 -38.62 -13.35
C SER A 44 -16.49 -37.69 -12.20
N ASP A 45 -16.00 -38.02 -11.00
CA ASP A 45 -16.29 -37.23 -9.81
C ASP A 45 -15.42 -35.97 -9.75
N LYS A 46 -14.34 -35.96 -10.51
CA LYS A 46 -13.49 -34.78 -10.61
C LYS A 46 -14.21 -33.70 -11.40
N ALA A 47 -15.02 -34.13 -12.37
CA ALA A 47 -15.82 -33.21 -13.15
C ALA A 47 -17.02 -32.71 -12.35
N ILE A 48 -17.72 -33.65 -11.72
CA ILE A 48 -18.87 -33.30 -10.87
C ILE A 48 -18.45 -32.28 -9.82
N GLU A 49 -17.20 -32.39 -9.37
CA GLU A 49 -16.67 -31.47 -8.38
C GLU A 49 -16.50 -30.08 -8.96
N LEU A 50 -15.78 -30.01 -10.08
CA LEU A 50 -15.54 -28.75 -10.76
C LEU A 50 -16.82 -28.14 -11.28
N TYR A 51 -17.89 -28.94 -11.36
CA TYR A 51 -19.18 -28.44 -11.82
C TYR A 51 -19.68 -27.36 -10.86
N ASP A 52 -19.23 -27.41 -9.62
CA ASP A 52 -19.61 -26.43 -8.61
C ASP A 52 -18.47 -25.46 -8.32
N LYS A 53 -17.26 -26.00 -8.25
CA LYS A 53 -16.08 -25.20 -7.94
C LYS A 53 -15.83 -24.12 -8.98
N ILE A 54 -16.48 -24.25 -10.13
CA ILE A 54 -16.34 -23.29 -11.23
C ILE A 54 -17.36 -22.17 -11.11
N GLU A 55 -18.41 -22.42 -10.34
CA GLU A 55 -19.47 -21.42 -10.14
C GLU A 55 -18.91 -20.14 -9.54
N LYS A 56 -17.65 -20.18 -9.11
CA LYS A 56 -16.97 -19.00 -8.57
C LYS A 56 -16.57 -18.04 -9.68
N PHE A 57 -17.02 -18.32 -10.90
CA PHE A 57 -16.65 -17.54 -12.07
C PHE A 57 -17.84 -16.84 -12.71
N LYS A 58 -18.94 -16.73 -11.97
CA LYS A 58 -20.15 -16.11 -12.50
C LYS A 58 -20.51 -16.75 -13.84
N VAL A 59 -20.65 -18.07 -13.81
CA VAL A 59 -20.91 -18.86 -15.02
C VAL A 59 -22.34 -18.73 -15.51
N ASP A 60 -22.49 -18.62 -16.83
CA ASP A 60 -23.80 -18.55 -17.47
C ASP A 60 -24.30 -19.94 -17.84
N PHE A 61 -23.54 -20.64 -18.68
CA PHE A 61 -23.89 -21.98 -19.08
C PHE A 61 -22.83 -23.00 -18.67
N LYS A 62 -23.28 -24.16 -18.22
CA LYS A 62 -22.37 -25.24 -17.84
C LYS A 62 -23.04 -26.59 -18.00
N SER A 63 -22.31 -27.54 -18.58
CA SER A 63 -22.85 -28.87 -18.85
C SER A 63 -21.80 -29.94 -18.66
N ARG A 64 -22.21 -31.06 -18.07
CA ARG A 64 -21.31 -32.19 -17.86
C ARG A 64 -21.65 -33.30 -18.83
N HIS A 65 -20.65 -33.78 -19.55
CA HIS A 65 -20.86 -34.86 -20.52
C HIS A 65 -20.00 -36.08 -20.19
N ALA A 66 -20.22 -37.17 -20.93
CA ALA A 66 -19.49 -38.41 -20.68
C ALA A 66 -18.62 -38.78 -21.88
N CYS A 67 -17.32 -38.79 -21.67
CA CYS A 67 -16.38 -39.15 -22.73
C CYS A 67 -16.14 -40.65 -22.75
N GLU A 68 -14.89 -41.05 -22.53
CA GLU A 68 -14.52 -42.45 -22.52
C GLU A 68 -13.85 -42.83 -21.22
N LEU A 69 -12.68 -42.25 -20.99
CA LEU A 69 -11.92 -42.52 -19.78
C LEU A 69 -12.43 -41.67 -18.62
N GLY A 70 -13.44 -40.85 -18.89
CA GLY A 70 -14.04 -40.00 -17.88
C GLY A 70 -15.09 -39.07 -18.46
N CYS A 71 -15.30 -37.94 -17.79
CA CYS A 71 -16.30 -36.97 -18.23
C CYS A 71 -15.66 -35.73 -18.83
N ILE A 72 -16.48 -34.86 -19.40
CA ILE A 72 -16.01 -33.60 -19.97
C ILE A 72 -16.87 -32.43 -19.52
N LEU A 73 -16.29 -31.53 -18.73
CA LEU A 73 -17.01 -30.36 -18.23
C LEU A 73 -16.93 -29.21 -19.24
N LEU A 74 -18.08 -28.68 -19.62
CA LEU A 74 -18.15 -27.62 -20.61
C LEU A 74 -18.93 -26.44 -20.04
N PHE A 75 -18.41 -25.24 -20.24
CA PHE A 75 -19.06 -24.05 -19.71
C PHE A 75 -18.68 -22.76 -20.44
N ILE A 76 -19.40 -21.69 -20.11
CA ILE A 76 -19.14 -20.39 -20.68
C ILE A 76 -19.19 -19.32 -19.60
N THR A 77 -18.11 -18.56 -19.49
CA THR A 77 -18.00 -17.52 -18.47
C THR A 77 -18.46 -16.16 -18.99
N LEU A 78 -19.35 -15.52 -18.23
CA LEU A 78 -19.84 -14.19 -18.56
C LEU A 78 -18.70 -13.21 -18.90
N SER A 79 -17.57 -13.37 -18.22
CA SER A 79 -16.39 -12.55 -18.49
C SER A 79 -15.29 -13.40 -19.10
N LYS A 80 -14.53 -12.83 -20.02
CA LYS A 80 -13.48 -13.57 -20.71
C LYS A 80 -12.36 -13.98 -19.74
N HIS A 81 -11.60 -15.00 -20.11
CA HIS A 81 -10.49 -15.47 -19.30
C HIS A 81 -9.42 -16.16 -20.14
N ARG A 82 -8.27 -16.43 -19.53
CA ARG A 82 -7.21 -17.19 -20.18
C ARG A 82 -7.47 -18.68 -20.04
N VAL A 83 -7.21 -19.44 -21.10
CA VAL A 83 -7.32 -20.89 -21.05
C VAL A 83 -6.39 -21.41 -19.97
N SER A 84 -5.25 -20.73 -19.80
CA SER A 84 -4.28 -21.09 -18.78
C SER A 84 -4.76 -20.70 -17.39
N ALA A 85 -5.54 -19.63 -17.31
CA ALA A 85 -6.07 -19.15 -16.03
C ALA A 85 -6.95 -20.22 -15.38
N ILE A 86 -7.81 -20.84 -16.20
CA ILE A 86 -8.67 -21.92 -15.74
C ILE A 86 -7.85 -23.19 -15.51
N LYS A 87 -6.94 -23.48 -16.43
CA LYS A 87 -6.07 -24.65 -16.33
C LYS A 87 -5.38 -24.71 -14.98
N ASN A 88 -4.87 -23.57 -14.54
CA ASN A 88 -4.18 -23.49 -13.25
C ASN A 88 -5.15 -23.60 -12.09
N PHE A 89 -6.32 -22.98 -12.25
CA PHE A 89 -7.35 -23.00 -11.22
C PHE A 89 -7.88 -24.40 -10.96
N CYS A 90 -7.82 -25.27 -11.97
CA CYS A 90 -8.29 -26.63 -11.84
C CYS A 90 -7.24 -27.53 -11.21
N SER A 91 -6.00 -27.05 -11.17
CA SER A 91 -4.90 -27.79 -10.54
C SER A 91 -4.78 -27.41 -9.07
N THR A 92 -5.86 -26.88 -8.51
CA THR A 92 -5.87 -26.40 -7.14
C THR A 92 -6.57 -27.38 -6.21
N PHE A 93 -7.67 -27.95 -6.68
CA PHE A 93 -8.50 -28.83 -5.85
C PHE A 93 -8.07 -30.28 -5.90
N CYS A 94 -7.96 -30.82 -7.11
CA CYS A 94 -7.64 -32.23 -7.30
C CYS A 94 -6.28 -32.62 -6.73
N THR A 95 -5.26 -31.81 -7.03
CA THR A 95 -3.88 -32.13 -6.64
C THR A 95 -3.55 -33.59 -6.91
N ILE A 96 -4.20 -34.14 -7.94
CA ILE A 96 -4.00 -35.54 -8.34
C ILE A 96 -4.80 -35.84 -9.60
N SER A 97 -4.86 -37.11 -10.00
CA SER A 97 -5.63 -37.52 -11.17
C SER A 97 -5.00 -37.00 -12.47
N PHE A 98 -5.85 -36.67 -13.44
CA PHE A 98 -5.39 -36.11 -14.72
C PHE A 98 -6.52 -35.32 -15.36
N LEU A 99 -6.20 -34.12 -15.86
CA LEU A 99 -7.19 -33.29 -16.53
C LEU A 99 -6.58 -32.47 -17.66
N ILE A 100 -7.38 -32.18 -18.67
CA ILE A 100 -6.95 -31.37 -19.79
C ILE A 100 -7.86 -30.16 -19.95
N CYS A 101 -7.28 -28.97 -19.98
CA CYS A 101 -8.06 -27.75 -20.10
C CYS A 101 -7.68 -26.97 -21.36
N LYS A 102 -8.66 -26.81 -22.25
CA LYS A 102 -8.46 -26.06 -23.48
C LYS A 102 -9.68 -25.22 -23.83
N GLY A 103 -9.43 -24.02 -24.34
CA GLY A 103 -10.50 -23.15 -24.79
C GLY A 103 -11.28 -23.82 -25.91
N VAL A 104 -12.56 -23.49 -26.03
CA VAL A 104 -13.42 -24.06 -27.05
C VAL A 104 -13.71 -23.06 -28.16
N ASN A 105 -13.05 -23.24 -29.31
CA ASN A 105 -13.26 -22.37 -30.45
C ASN A 105 -14.66 -22.51 -31.06
N LYS A 106 -15.07 -23.74 -31.33
CA LYS A 106 -16.37 -24.01 -31.91
C LYS A 106 -17.36 -24.53 -30.86
N MET A 107 -17.97 -23.61 -30.14
CA MET A 107 -18.84 -23.96 -29.01
C MET A 107 -20.11 -24.69 -29.42
N PRO A 108 -20.94 -24.07 -30.28
CA PRO A 108 -22.18 -24.74 -30.71
C PRO A 108 -21.90 -26.13 -31.25
N GLU A 109 -20.90 -26.26 -32.11
CA GLU A 109 -20.54 -27.56 -32.67
C GLU A 109 -20.11 -28.53 -31.58
N MET A 110 -19.35 -28.03 -30.61
CA MET A 110 -18.85 -28.83 -29.51
C MET A 110 -19.99 -29.60 -28.82
N TYR A 111 -20.86 -28.86 -28.15
CA TYR A 111 -21.99 -29.44 -27.42
C TYR A 111 -22.70 -30.52 -28.23
N ASN A 112 -22.88 -30.27 -29.51
CA ASN A 112 -23.53 -31.21 -30.40
C ASN A 112 -22.92 -32.61 -30.32
N ASN A 113 -21.62 -32.70 -30.59
CA ASN A 113 -20.93 -33.99 -30.57
C ASN A 113 -21.00 -34.66 -29.20
N LEU A 114 -20.98 -33.86 -28.15
CA LEU A 114 -21.01 -34.38 -26.79
C LEU A 114 -22.38 -34.96 -26.44
N CYS A 115 -23.33 -34.80 -27.36
CA CYS A 115 -24.66 -35.40 -27.20
C CYS A 115 -24.80 -36.56 -28.18
N LYS A 116 -24.00 -36.55 -29.23
CA LYS A 116 -23.98 -37.62 -30.21
C LYS A 116 -23.61 -38.93 -29.51
N PRO A 117 -24.02 -40.07 -30.09
CA PRO A 117 -23.83 -41.41 -29.52
C PRO A 117 -22.46 -41.67 -28.89
N PRO A 118 -21.36 -41.21 -29.54
CA PRO A 118 -20.06 -41.41 -28.89
C PRO A 118 -20.02 -40.83 -27.48
N TYR A 119 -20.96 -39.92 -27.18
CA TYR A 119 -21.06 -39.33 -25.87
C TYR A 119 -22.51 -39.28 -25.42
N LYS A 120 -22.79 -38.46 -24.41
CA LYS A 120 -24.16 -38.28 -23.92
C LYS A 120 -24.20 -37.20 -22.84
N LEU A 121 -25.23 -36.36 -22.88
CA LEU A 121 -25.40 -35.32 -21.87
C LEU A 121 -25.71 -35.93 -20.51
N LEU A 122 -25.13 -35.36 -19.47
CA LEU A 122 -25.32 -35.87 -18.11
C LEU A 122 -26.00 -34.83 -17.22
N GLN A 123 -25.72 -33.55 -17.45
CA GLN A 123 -26.32 -32.47 -16.66
C GLN A 123 -26.01 -31.09 -17.24
N GLU A 124 -27.05 -30.28 -17.39
CA GLU A 124 -26.90 -28.89 -17.81
C GLU A 124 -27.89 -28.01 -17.05
N ASN A 125 -27.38 -26.94 -16.43
CA ASN A 125 -28.23 -26.04 -15.67
C ASN A 125 -29.25 -25.32 -16.55
N LYS A 126 -28.88 -25.07 -17.81
CA LYS A 126 -29.78 -24.44 -18.77
C LYS A 126 -29.52 -24.96 -20.18
N PRO A 127 -30.55 -24.95 -21.04
CA PRO A 127 -30.33 -25.25 -22.45
C PRO A 127 -29.61 -24.09 -23.12
N LEU A 128 -28.59 -24.39 -23.93
CA LEU A 128 -27.79 -23.35 -24.56
C LEU A 128 -28.51 -22.69 -25.74
N LEU A 129 -28.18 -21.43 -26.00
CA LEU A 129 -28.79 -20.70 -27.10
C LEU A 129 -27.83 -19.71 -27.75
N THR B 11 27.65 31.34 12.09
CA THR B 11 27.14 30.50 13.18
C THR B 11 27.54 29.03 12.97
N PRO B 12 28.02 28.39 14.05
CA PRO B 12 28.41 26.98 14.00
C PRO B 12 27.21 26.08 13.71
N VAL B 13 26.25 26.07 14.64
CA VAL B 13 24.96 25.36 14.51
C VAL B 13 24.53 24.68 15.81
N PRO B 14 25.41 23.85 16.41
CA PRO B 14 26.75 23.44 16.00
C PRO B 14 26.76 22.00 15.51
N THR B 15 27.26 21.09 16.35
CA THR B 15 27.36 19.69 15.97
C THR B 15 26.75 18.80 17.05
N ASP B 16 27.17 19.00 18.29
CA ASP B 16 26.71 18.19 19.40
C ASP B 16 26.21 19.08 20.53
N PHE B 17 25.69 18.46 21.59
CA PHE B 17 25.25 19.20 22.77
C PHE B 17 26.42 19.98 23.38
N PRO B 18 26.11 21.13 24.01
CA PRO B 18 27.14 21.89 24.73
C PRO B 18 27.86 21.00 25.72
N ILE B 19 29.14 21.28 25.96
CA ILE B 19 29.98 20.38 26.75
C ILE B 19 29.60 20.33 28.23
N ASP B 20 29.09 21.44 28.74
CA ASP B 20 28.77 21.55 30.16
C ASP B 20 27.73 20.51 30.62
N LEU B 21 27.09 19.84 29.67
CA LEU B 21 26.17 18.75 30.01
C LEU B 21 26.35 17.55 29.08
N SER B 22 27.39 17.60 28.24
CA SER B 22 27.64 16.54 27.27
C SER B 22 28.09 15.24 27.93
N ASP B 23 28.29 15.27 29.24
CA ASP B 23 28.71 14.08 29.97
C ASP B 23 27.50 13.29 30.44
N TYR B 24 26.37 13.97 30.57
CA TYR B 24 25.14 13.34 31.06
C TYR B 24 24.42 12.55 29.97
N LEU B 25 25.04 12.43 28.81
CA LEU B 25 24.41 11.80 27.66
C LEU B 25 25.01 10.43 27.32
N SER B 26 24.29 9.67 26.48
CA SER B 26 24.79 8.38 26.00
C SER B 26 25.24 8.53 24.56
N HIS B 27 26.53 8.31 24.30
CA HIS B 27 27.09 8.47 22.97
C HIS B 27 27.38 7.13 22.31
N ALA B 28 26.34 6.32 22.19
CA ALA B 28 26.48 4.98 21.63
C ALA B 28 25.92 4.91 20.22
N VAL B 29 26.80 4.67 19.26
CA VAL B 29 26.37 4.49 17.87
C VAL B 29 26.14 3.01 17.60
N TYR B 30 26.79 2.16 18.38
CA TYR B 30 26.72 0.72 18.20
C TYR B 30 25.88 0.04 19.29
N SER B 31 24.75 0.62 19.64
CA SER B 31 23.88 0.05 20.67
C SER B 31 22.43 -0.04 20.23
N ASN B 32 21.74 -1.08 20.69
CA ASN B 32 20.33 -1.28 20.36
C ASN B 32 19.45 -1.06 21.57
N LYS B 33 20.06 -0.72 22.69
CA LYS B 33 19.32 -0.51 23.93
C LYS B 33 18.18 0.48 23.73
N THR B 34 17.03 0.15 24.30
CA THR B 34 15.84 0.99 24.22
C THR B 34 15.60 1.77 25.50
N VAL B 35 16.13 2.99 25.55
CA VAL B 35 15.96 3.86 26.69
C VAL B 35 14.60 4.55 26.64
N SER B 36 14.17 5.07 27.79
CA SER B 36 12.89 5.74 27.92
C SER B 36 13.06 7.26 27.99
N CYS B 37 14.29 7.70 28.23
CA CYS B 37 14.58 9.12 28.41
C CYS B 37 15.39 9.68 27.23
N PHE B 38 14.89 10.75 26.63
CA PHE B 38 15.56 11.38 25.49
C PHE B 38 15.66 12.89 25.64
N ALA B 39 16.59 13.48 24.90
CA ALA B 39 16.75 14.94 24.86
C ALA B 39 17.19 15.37 23.46
N ILE B 40 16.75 16.54 23.03
CA ILE B 40 17.03 17.01 21.67
C ILE B 40 17.50 18.47 21.66
N TYR B 41 18.14 18.86 20.56
CA TYR B 41 18.78 20.18 20.47
C TYR B 41 18.56 20.80 19.10
N THR B 42 17.56 21.69 19.00
CA THR B 42 17.28 22.39 17.76
C THR B 42 17.01 23.87 18.03
N THR B 43 16.49 24.56 17.03
CA THR B 43 16.10 25.96 17.18
C THR B 43 14.80 26.06 17.97
N SER B 44 14.65 27.13 18.74
CA SER B 44 13.48 27.33 19.58
C SER B 44 12.17 27.19 18.80
N ASP B 45 12.22 27.53 17.51
CA ASP B 45 11.06 27.38 16.64
C ASP B 45 10.78 25.90 16.38
N LYS B 46 11.75 25.19 15.83
CA LYS B 46 11.60 23.77 15.55
C LYS B 46 11.37 22.99 16.84
N ALA B 47 11.77 23.59 17.97
CA ALA B 47 11.55 22.99 19.27
C ALA B 47 10.08 23.11 19.65
N ILE B 48 9.51 24.28 19.38
CA ILE B 48 8.10 24.56 19.70
C ILE B 48 7.16 23.59 18.98
N GLU B 49 7.49 23.25 17.74
CA GLU B 49 6.64 22.37 16.95
C GLU B 49 6.76 20.91 17.39
N LEU B 50 7.98 20.49 17.72
CA LEU B 50 8.22 19.12 18.16
C LEU B 50 7.59 18.86 19.53
N TYR B 51 7.24 19.94 20.21
CA TYR B 51 6.59 19.85 21.52
C TYR B 51 5.26 19.09 21.43
N ASP B 52 4.73 18.97 20.21
CA ASP B 52 3.44 18.32 20.03
C ASP B 52 3.57 16.95 19.37
N LYS B 53 4.49 16.83 18.43
CA LYS B 53 4.66 15.60 17.66
C LYS B 53 5.02 14.41 18.56
N ILE B 54 5.72 14.71 19.65
CA ILE B 54 6.19 13.69 20.57
C ILE B 54 5.05 12.88 21.16
N GLU B 55 3.84 13.42 21.09
CA GLU B 55 2.68 12.76 21.69
C GLU B 55 2.17 11.57 20.88
N LYS B 56 3.09 10.86 20.22
CA LYS B 56 2.75 9.62 19.53
C LYS B 56 3.26 8.43 20.34
N PHE B 57 4.28 8.68 21.15
CA PHE B 57 4.89 7.65 21.97
C PHE B 57 4.32 7.67 23.38
N LYS B 58 3.26 8.46 23.57
CA LYS B 58 2.62 8.59 24.86
C LYS B 58 3.65 8.90 25.94
N VAL B 59 3.94 10.18 26.15
CA VAL B 59 4.95 10.59 27.11
C VAL B 59 4.40 10.71 28.52
N ASP B 60 5.25 10.43 29.50
CA ASP B 60 4.92 10.63 30.90
C ASP B 60 5.29 12.04 31.32
N PHE B 61 6.26 12.61 30.60
CA PHE B 61 6.76 13.94 30.90
C PHE B 61 7.54 14.52 29.73
N LYS B 62 7.56 15.85 29.66
CA LYS B 62 8.23 16.54 28.56
C LYS B 62 8.46 18.00 28.94
N SER B 63 9.51 18.59 28.39
CA SER B 63 9.84 19.98 28.70
C SER B 63 10.89 20.57 27.75
N ARG B 64 10.72 21.85 27.44
CA ARG B 64 11.62 22.57 26.54
C ARG B 64 12.31 23.73 27.26
N HIS B 65 13.64 23.71 27.25
CA HIS B 65 14.42 24.71 27.97
C HIS B 65 15.10 25.70 27.01
N ALA B 66 15.67 26.75 27.58
CA ALA B 66 16.38 27.76 26.78
C ALA B 66 17.89 27.58 26.85
N CYS B 67 18.52 27.33 25.71
CA CYS B 67 19.96 27.11 25.66
C CYS B 67 20.66 28.14 24.79
N GLU B 68 21.93 28.38 25.07
CA GLU B 68 22.71 29.35 24.30
C GLU B 68 22.75 28.97 22.82
N LEU B 69 22.18 29.83 21.98
CA LEU B 69 22.19 29.62 20.54
C LEU B 69 21.45 28.33 20.17
N GLY B 70 20.32 28.08 20.81
CA GLY B 70 19.53 26.90 20.54
C GLY B 70 18.35 26.72 21.48
N CYS B 71 17.91 25.48 21.64
CA CYS B 71 16.78 25.16 22.51
C CYS B 71 16.66 23.65 22.72
N ILE B 72 17.01 23.19 23.92
CA ILE B 72 16.95 21.76 24.23
C ILE B 72 15.60 21.35 24.80
N LEU B 73 15.06 20.25 24.29
CA LEU B 73 13.79 19.72 24.78
C LEU B 73 13.94 18.25 25.15
N LEU B 74 13.87 17.96 26.45
CA LEU B 74 13.95 16.58 26.92
C LEU B 74 12.58 16.04 27.31
N PHE B 75 12.43 14.72 27.30
CA PHE B 75 11.16 14.09 27.62
C PHE B 75 11.34 12.61 27.95
N ILE B 76 10.29 12.00 28.48
CA ILE B 76 10.33 10.59 28.83
C ILE B 76 9.03 9.91 28.46
N THR B 77 9.15 8.74 27.84
CA THR B 77 7.98 7.98 27.43
C THR B 77 7.72 6.82 28.36
N LEU B 78 6.54 6.21 28.22
CA LEU B 78 6.19 5.03 29.01
C LEU B 78 6.83 3.79 28.41
N SER B 79 6.71 3.65 27.08
CA SER B 79 7.32 2.54 26.38
C SER B 79 8.78 2.85 26.05
N LYS B 80 9.62 1.82 26.04
CA LYS B 80 11.03 2.01 25.71
C LYS B 80 11.23 2.16 24.21
N HIS B 81 12.22 2.95 23.82
CA HIS B 81 12.50 3.21 22.42
C HIS B 81 13.99 3.41 22.15
N ARG B 82 14.37 3.22 20.90
CA ARG B 82 15.75 3.41 20.47
C ARG B 82 16.12 4.88 20.35
N VAL B 83 17.39 5.19 20.60
CA VAL B 83 17.90 6.53 20.39
C VAL B 83 17.76 6.88 18.91
N SER B 84 18.12 5.94 18.05
CA SER B 84 18.01 6.11 16.61
C SER B 84 16.57 6.27 16.15
N ALA B 85 15.65 5.56 16.82
CA ALA B 85 14.24 5.59 16.45
C ALA B 85 13.64 6.97 16.67
N ILE B 86 14.06 7.64 17.74
CA ILE B 86 13.58 8.97 18.03
C ILE B 86 14.17 10.01 17.08
N LYS B 87 15.46 9.89 16.80
CA LYS B 87 16.13 10.84 15.90
C LYS B 87 15.49 10.79 14.52
N ASN B 88 15.25 9.58 14.05
CA ASN B 88 14.66 9.39 12.73
C ASN B 88 13.24 9.91 12.66
N PHE B 89 12.59 10.02 13.82
CA PHE B 89 11.20 10.46 13.87
C PHE B 89 11.07 11.98 13.79
N CYS B 90 12.02 12.68 14.40
CA CYS B 90 11.99 14.14 14.43
C CYS B 90 12.48 14.74 13.12
N SER B 91 13.44 14.09 12.49
CA SER B 91 14.02 14.60 11.24
C SER B 91 12.98 14.72 10.13
N THR B 92 11.81 14.12 10.35
CA THR B 92 10.73 14.18 9.38
C THR B 92 10.19 15.61 9.26
N PHE B 93 10.48 16.42 10.27
CA PHE B 93 10.06 17.82 10.26
C PHE B 93 11.23 18.73 9.91
N CYS B 94 12.41 18.13 9.78
CA CYS B 94 13.63 18.88 9.56
C CYS B 94 13.62 19.63 8.23
N THR B 95 13.14 20.87 8.26
CA THR B 95 13.13 21.71 7.07
C THR B 95 14.40 22.54 7.00
N ILE B 96 15.50 21.91 6.61
CA ILE B 96 16.80 22.56 6.53
C ILE B 96 17.27 23.04 7.90
N SER B 97 16.59 22.57 8.94
CA SER B 97 16.91 22.95 10.32
C SER B 97 17.80 21.90 10.96
N PHE B 98 18.66 22.32 11.89
CA PHE B 98 19.58 21.40 12.54
C PHE B 98 18.91 20.65 13.68
N LEU B 99 19.40 19.43 13.94
CA LEU B 99 18.80 18.57 14.94
C LEU B 99 19.76 17.48 15.38
N ILE B 100 19.83 17.27 16.71
CA ILE B 100 20.65 16.21 17.26
C ILE B 100 19.94 15.52 18.42
N CYS B 101 20.03 14.20 18.47
CA CYS B 101 19.31 13.41 19.48
C CYS B 101 20.22 12.42 20.20
N LYS B 102 20.13 12.41 21.53
CA LYS B 102 20.89 11.46 22.35
C LYS B 102 20.11 11.08 23.61
N GLY B 103 20.23 9.83 24.02
CA GLY B 103 19.53 9.35 25.20
C GLY B 103 20.20 9.78 26.49
N VAL B 104 19.43 10.38 27.39
CA VAL B 104 19.96 10.83 28.67
C VAL B 104 20.04 9.69 29.69
N ASN B 105 21.25 9.43 30.17
CA ASN B 105 21.47 8.37 31.16
C ASN B 105 21.10 8.81 32.56
N LYS B 106 21.25 10.10 32.83
CA LYS B 106 20.91 10.65 34.13
C LYS B 106 19.97 11.84 33.96
N MET B 107 18.67 11.58 33.94
CA MET B 107 17.67 12.61 33.71
C MET B 107 17.59 13.67 34.82
N PRO B 108 17.60 13.22 36.09
CA PRO B 108 17.50 14.21 37.17
C PRO B 108 18.65 15.22 37.17
N GLU B 109 19.84 14.75 36.81
CA GLU B 109 21.01 15.60 36.77
C GLU B 109 20.87 16.62 35.65
N MET B 110 20.33 16.17 34.52
CA MET B 110 20.13 17.03 33.36
C MET B 110 19.16 18.16 33.63
N TYR B 111 17.95 17.82 34.08
CA TYR B 111 16.91 18.80 34.35
C TYR B 111 17.45 19.96 35.17
N ASN B 112 18.00 19.64 36.35
CA ASN B 112 18.51 20.65 37.25
C ASN B 112 19.65 21.47 36.63
N ASN B 113 20.36 20.86 35.68
CA ASN B 113 21.44 21.55 34.99
C ASN B 113 20.90 22.54 33.96
N LEU B 114 19.69 22.27 33.47
CA LEU B 114 19.04 23.13 32.50
C LEU B 114 18.22 24.22 33.19
N CYS B 115 18.40 24.33 34.50
CA CYS B 115 17.74 25.36 35.29
C CYS B 115 18.79 26.22 35.97
N LYS B 116 20.05 26.05 35.56
CA LYS B 116 21.16 26.78 36.16
C LYS B 116 21.18 28.24 35.71
N PRO B 117 22.36 28.71 35.31
CA PRO B 117 22.52 30.10 34.88
C PRO B 117 22.34 30.26 33.36
N PRO B 118 23.10 29.50 32.56
CA PRO B 118 22.99 29.65 31.11
C PRO B 118 21.70 29.03 30.57
N TYR B 119 20.92 28.42 31.45
CA TYR B 119 19.73 27.70 31.03
C TYR B 119 18.49 28.09 31.84
N LYS B 120 17.35 28.18 31.15
CA LYS B 120 16.09 28.58 31.78
C LYS B 120 15.01 27.52 31.56
N LEU B 121 13.75 27.93 31.63
CA LEU B 121 12.63 26.99 31.60
C LEU B 121 11.60 27.26 30.50
N LEU B 122 10.42 27.74 30.92
CA LEU B 122 9.24 27.83 30.04
C LEU B 122 8.61 26.44 29.98
N GLN B 123 9.16 25.61 29.10
CA GLN B 123 9.10 24.16 29.16
C GLN B 123 7.80 23.42 29.50
N GLU B 124 7.78 22.85 30.71
CA GLU B 124 7.23 21.52 30.97
C GLU B 124 5.74 21.21 31.15
N ASN B 125 5.50 20.26 32.05
CA ASN B 125 4.28 19.48 32.13
C ASN B 125 4.14 18.86 33.53
N LYS B 126 5.17 18.14 33.97
CA LYS B 126 5.22 17.55 35.30
C LYS B 126 6.54 17.92 36.00
N PRO B 127 6.59 17.84 37.34
CA PRO B 127 7.81 18.13 38.08
C PRO B 127 8.71 16.91 38.23
N LEU B 128 8.66 16.27 39.40
CA LEU B 128 9.45 15.08 39.70
C LEU B 128 9.25 13.98 38.66
N LEU B 129 10.08 12.94 38.72
CA LEU B 129 10.06 11.87 37.72
C LEU B 129 9.82 10.49 38.34
N ASN B 130 9.95 9.45 37.51
CA ASN B 130 9.76 8.08 37.95
C ASN B 130 11.10 7.41 38.27
N VAL C 13 -14.24 12.60 7.02
CA VAL C 13 -15.52 11.98 6.68
C VAL C 13 -15.43 11.13 5.41
N PRO C 14 -14.86 11.69 4.32
CA PRO C 14 -14.80 10.93 3.07
C PRO C 14 -13.70 9.88 3.06
N THR C 15 -14.09 8.61 2.97
CA THR C 15 -13.14 7.52 2.83
C THR C 15 -13.07 7.07 1.38
N ASP C 16 -11.84 6.92 0.87
CA ASP C 16 -11.62 6.53 -0.51
C ASP C 16 -12.00 7.65 -1.48
N PHE C 17 -11.21 7.81 -2.53
CA PHE C 17 -11.40 8.88 -3.50
C PHE C 17 -12.75 8.76 -4.19
N PRO C 18 -13.28 9.88 -4.71
CA PRO C 18 -14.52 9.88 -5.48
C PRO C 18 -14.47 8.87 -6.62
N ILE C 19 -15.63 8.52 -7.17
CA ILE C 19 -15.74 7.48 -8.17
C ILE C 19 -15.24 7.90 -9.56
N ASP C 20 -15.51 9.15 -9.93
CA ASP C 20 -15.18 9.64 -11.28
C ASP C 20 -13.71 9.44 -11.65
N LEU C 21 -12.86 9.30 -10.64
CA LEU C 21 -11.43 9.14 -10.89
C LEU C 21 -10.87 7.85 -10.29
N SER C 22 -11.76 6.95 -9.90
CA SER C 22 -11.34 5.70 -9.28
C SER C 22 -10.79 4.71 -10.31
N ASP C 23 -10.81 5.13 -11.58
CA ASP C 23 -10.30 4.30 -12.67
C ASP C 23 -8.84 4.64 -12.98
N TYR C 24 -8.40 5.81 -12.55
CA TYR C 24 -7.02 6.24 -12.75
C TYR C 24 -6.17 5.85 -11.55
N LEU C 25 -6.82 5.39 -10.49
CA LEU C 25 -6.14 5.02 -9.26
C LEU C 25 -5.77 3.54 -9.23
N SER C 26 -5.00 3.14 -8.23
CA SER C 26 -4.65 1.74 -8.04
C SER C 26 -5.30 1.20 -6.77
N HIS C 27 -6.17 0.21 -6.93
CA HIS C 27 -6.86 -0.38 -5.79
C HIS C 27 -6.28 -1.73 -5.38
N ALA C 28 -4.98 -1.78 -5.17
CA ALA C 28 -4.31 -3.01 -4.74
C ALA C 28 -4.28 -3.11 -3.22
N VAL C 29 -4.48 -4.32 -2.70
CA VAL C 29 -4.52 -4.55 -1.27
C VAL C 29 -3.42 -5.50 -0.81
N TYR C 30 -3.12 -6.50 -1.63
CA TYR C 30 -2.11 -7.50 -1.29
C TYR C 30 -0.89 -7.39 -2.20
N SER C 31 -0.57 -6.17 -2.62
CA SER C 31 0.54 -5.95 -3.54
C SER C 31 1.76 -5.37 -2.84
N ASN C 32 2.94 -5.82 -3.26
CA ASN C 32 4.20 -5.32 -2.73
C ASN C 32 4.92 -4.46 -3.76
N LYS C 33 4.18 -4.06 -4.79
CA LYS C 33 4.73 -3.25 -5.86
C LYS C 33 5.14 -1.87 -5.37
N THR C 34 6.18 -1.31 -5.99
CA THR C 34 6.65 0.01 -5.64
C THR C 34 6.49 0.94 -6.83
N VAL C 35 5.62 1.93 -6.69
CA VAL C 35 5.37 2.91 -7.74
C VAL C 35 5.98 4.25 -7.38
N SER C 36 6.09 5.14 -8.36
CA SER C 36 6.74 6.43 -8.15
C SER C 36 5.75 7.57 -7.95
N CYS C 37 4.59 7.46 -8.58
CA CYS C 37 3.58 8.50 -8.50
C CYS C 37 2.39 8.13 -7.62
N PHE C 38 1.99 9.06 -6.75
CA PHE C 38 0.90 8.81 -5.81
C PHE C 38 -0.15 9.92 -5.84
N ALA C 39 -1.14 9.79 -4.97
CA ALA C 39 -2.19 10.81 -4.81
C ALA C 39 -2.84 10.67 -3.44
N ILE C 40 -2.75 11.71 -2.62
CA ILE C 40 -3.27 11.67 -1.26
C ILE C 40 -4.52 12.54 -1.14
N TYR C 41 -5.43 12.14 -0.25
CA TYR C 41 -6.71 12.83 -0.09
C TYR C 41 -6.94 13.20 1.38
N THR C 42 -6.70 14.46 1.72
CA THR C 42 -6.87 14.93 3.09
C THR C 42 -7.50 16.31 3.13
N THR C 43 -7.50 16.94 4.31
CA THR C 43 -8.03 18.27 4.46
C THR C 43 -7.25 19.27 3.61
N SER C 44 -7.74 20.50 3.53
CA SER C 44 -7.08 21.54 2.74
C SER C 44 -5.82 22.06 3.44
N ASP C 45 -5.79 21.97 4.76
CA ASP C 45 -4.66 22.44 5.54
C ASP C 45 -3.51 21.44 5.49
N LYS C 46 -3.82 20.17 5.71
CA LYS C 46 -2.81 19.12 5.62
C LYS C 46 -2.24 19.06 4.21
N ALA C 47 -3.07 19.42 3.24
CA ALA C 47 -2.66 19.46 1.84
C ALA C 47 -1.49 20.42 1.65
N ILE C 48 -1.67 21.65 2.11
CA ILE C 48 -0.65 22.68 2.00
C ILE C 48 0.64 22.27 2.70
N GLU C 49 0.50 21.70 3.89
CA GLU C 49 1.64 21.25 4.68
C GLU C 49 2.39 20.12 3.99
N LEU C 50 1.66 19.11 3.55
CA LEU C 50 2.25 17.94 2.91
C LEU C 50 2.73 18.23 1.49
N TYR C 51 2.70 19.51 1.12
CA TYR C 51 3.22 19.91 -0.18
C TYR C 51 4.72 20.18 -0.09
N ASP C 52 5.13 20.81 1.01
CA ASP C 52 6.55 21.09 1.24
C ASP C 52 7.23 19.97 2.04
N LYS C 53 6.50 19.43 3.02
CA LYS C 53 7.01 18.35 3.85
C LYS C 53 7.10 17.04 3.08
N ILE C 54 6.95 17.11 1.77
CA ILE C 54 7.08 15.95 0.90
C ILE C 54 8.35 16.05 0.08
N GLU C 55 8.97 17.23 0.10
CA GLU C 55 10.21 17.46 -0.64
C GLU C 55 11.38 16.67 -0.06
N LYS C 56 11.10 15.86 0.95
CA LYS C 56 12.13 15.02 1.56
C LYS C 56 12.33 13.75 0.75
N PHE C 57 11.56 13.61 -0.32
CA PHE C 57 11.68 12.48 -1.24
C PHE C 57 12.32 12.90 -2.54
N LYS C 58 12.70 14.17 -2.64
CA LYS C 58 13.30 14.70 -3.85
C LYS C 58 12.40 14.47 -5.05
N VAL C 59 11.15 14.90 -4.93
CA VAL C 59 10.16 14.70 -5.97
C VAL C 59 10.52 15.45 -7.25
N ASP C 60 9.95 15.00 -8.36
CA ASP C 60 10.16 15.67 -9.64
C ASP C 60 9.00 16.62 -9.91
N PHE C 61 7.79 16.18 -9.57
CA PHE C 61 6.59 16.96 -9.81
C PHE C 61 5.62 16.89 -8.64
N LYS C 62 5.06 18.03 -8.26
CA LYS C 62 4.02 18.08 -7.25
C LYS C 62 3.00 19.17 -7.60
N SER C 63 1.72 18.87 -7.42
CA SER C 63 0.66 19.77 -7.84
C SER C 63 -0.51 19.85 -6.86
N ARG C 64 -0.74 21.06 -6.35
CA ARG C 64 -1.88 21.32 -5.47
C ARG C 64 -3.19 21.22 -6.22
N HIS C 65 -4.14 20.46 -5.68
CA HIS C 65 -5.46 20.33 -6.28
C HIS C 65 -6.54 20.35 -5.19
N ALA C 66 -7.79 20.46 -5.61
CA ALA C 66 -8.90 20.57 -4.68
C ALA C 66 -10.11 19.74 -5.09
N CYS C 67 -10.92 19.34 -4.10
CA CYS C 67 -12.08 18.50 -4.35
C CYS C 67 -13.27 18.94 -3.50
N GLU C 68 -14.34 18.16 -3.55
CA GLU C 68 -15.53 18.45 -2.76
C GLU C 68 -15.29 18.15 -1.28
N LEU C 69 -15.09 19.21 -0.50
CA LEU C 69 -14.85 19.09 0.93
C LEU C 69 -13.53 18.35 1.21
N GLY C 70 -12.48 18.76 0.52
CA GLY C 70 -11.17 18.16 0.68
C GLY C 70 -10.24 18.52 -0.47
N CYS C 71 -8.94 18.26 -0.28
CA CYS C 71 -7.95 18.54 -1.32
C CYS C 71 -7.11 17.30 -1.63
N ILE C 72 -6.70 17.18 -2.89
CA ILE C 72 -5.89 16.04 -3.32
C ILE C 72 -4.53 16.47 -3.86
N LEU C 73 -3.46 15.92 -3.28
CA LEU C 73 -2.12 16.22 -3.74
C LEU C 73 -1.48 15.01 -4.41
N LEU C 74 -1.44 15.03 -5.73
CA LEU C 74 -0.78 13.97 -6.47
C LEU C 74 0.63 14.41 -6.81
N PHE C 75 1.55 13.45 -6.86
CA PHE C 75 2.95 13.75 -7.08
C PHE C 75 3.72 12.52 -7.52
N ILE C 76 4.96 12.73 -7.94
CA ILE C 76 5.81 11.64 -8.41
C ILE C 76 7.22 11.75 -7.85
N THR C 77 7.84 10.61 -7.60
CA THR C 77 9.19 10.57 -7.05
C THR C 77 10.11 9.77 -7.96
N LEU C 78 11.34 10.25 -8.11
CA LEU C 78 12.34 9.55 -8.92
C LEU C 78 12.60 8.16 -8.36
N SER C 79 12.40 8.01 -7.06
CA SER C 79 12.57 6.74 -6.38
C SER C 79 11.24 6.00 -6.30
N LYS C 80 11.31 4.67 -6.28
CA LYS C 80 10.11 3.84 -6.23
C LYS C 80 9.71 3.51 -4.79
N HIS C 81 8.50 3.93 -4.43
CA HIS C 81 7.98 3.72 -3.08
C HIS C 81 6.73 2.85 -3.08
N ARG C 82 6.44 2.25 -1.94
CA ARG C 82 5.22 1.48 -1.79
C ARG C 82 4.08 2.38 -1.33
N VAL C 83 2.88 2.13 -1.85
CA VAL C 83 1.71 2.93 -1.51
C VAL C 83 1.45 2.95 0.00
N SER C 84 1.73 1.84 0.67
CA SER C 84 1.50 1.74 2.10
C SER C 84 2.59 2.49 2.87
N ALA C 85 3.72 2.73 2.23
CA ALA C 85 4.81 3.46 2.85
C ALA C 85 4.52 4.96 2.82
N ILE C 86 3.71 5.38 1.86
CA ILE C 86 3.32 6.78 1.73
C ILE C 86 2.20 7.16 2.70
N LYS C 87 1.32 6.20 3.00
CA LYS C 87 0.24 6.44 3.95
C LYS C 87 0.80 6.46 5.38
N ASN C 88 1.84 5.66 5.61
CA ASN C 88 2.50 5.62 6.90
C ASN C 88 3.36 6.86 7.13
N PHE C 89 3.75 7.50 6.03
CA PHE C 89 4.55 8.72 6.09
C PHE C 89 3.71 9.92 6.45
N CYS C 90 2.59 10.10 5.74
CA CYS C 90 1.71 11.23 6.01
C CYS C 90 1.05 11.08 7.38
N SER C 91 0.87 9.82 7.81
CA SER C 91 0.26 9.54 9.10
C SER C 91 1.00 10.22 10.25
N THR C 92 2.30 10.41 10.09
CA THR C 92 3.12 11.00 11.14
C THR C 92 2.91 12.50 11.24
N PHE C 93 2.49 13.11 10.13
CA PHE C 93 2.22 14.55 10.11
C PHE C 93 0.85 14.87 10.66
N CYS C 94 -0.16 14.16 10.19
CA CYS C 94 -1.53 14.39 10.64
C CYS C 94 -1.82 13.70 11.96
N THR C 95 -2.93 14.11 12.58
CA THR C 95 -3.39 13.47 13.81
C THR C 95 -4.92 13.56 13.85
N ILE C 96 -5.43 14.69 13.37
CA ILE C 96 -6.87 14.88 13.26
C ILE C 96 -7.29 14.74 11.80
N SER C 97 -6.46 15.27 10.91
CA SER C 97 -6.73 15.22 9.48
C SER C 97 -6.88 13.80 8.97
N PHE C 98 -7.95 13.56 8.23
CA PHE C 98 -8.21 12.24 7.66
C PHE C 98 -7.23 11.95 6.55
N LEU C 99 -6.81 10.68 6.45
CA LEU C 99 -5.74 10.29 5.55
C LEU C 99 -6.14 9.08 4.72
N ILE C 100 -6.41 9.32 3.44
CA ILE C 100 -6.67 8.24 2.52
C ILE C 100 -5.79 8.42 1.29
N CYS C 101 -4.83 7.52 1.13
CA CYS C 101 -3.82 7.66 0.10
C CYS C 101 -3.77 6.45 -0.82
N LYS C 102 -3.83 6.71 -2.12
CA LYS C 102 -3.73 5.64 -3.11
C LYS C 102 -2.81 6.09 -4.23
N GLY C 103 -2.01 5.17 -4.75
CA GLY C 103 -1.15 5.46 -5.88
C GLY C 103 -1.93 5.56 -7.16
N VAL C 104 -1.43 6.35 -8.11
CA VAL C 104 -2.10 6.53 -9.40
C VAL C 104 -1.43 5.71 -10.50
N ASN C 105 -2.25 5.18 -11.40
CA ASN C 105 -1.74 4.42 -12.54
C ASN C 105 -1.76 5.27 -13.80
N LYS C 106 -2.85 5.99 -14.01
CA LYS C 106 -2.97 6.89 -15.14
C LYS C 106 -2.77 8.32 -14.70
N MET C 107 -1.51 8.67 -14.43
CA MET C 107 -1.19 10.00 -13.93
C MET C 107 -1.49 11.15 -14.91
N PRO C 108 -1.35 10.90 -16.23
CA PRO C 108 -1.70 11.98 -17.16
C PRO C 108 -3.19 12.27 -17.15
N GLU C 109 -4.01 11.23 -17.24
CA GLU C 109 -5.46 11.39 -17.21
C GLU C 109 -5.92 11.94 -15.86
N MET C 110 -5.30 11.45 -14.79
CA MET C 110 -5.60 11.93 -13.45
C MET C 110 -5.37 13.44 -13.35
N TYR C 111 -4.21 13.89 -13.79
CA TYR C 111 -3.85 15.31 -13.73
C TYR C 111 -4.91 16.15 -14.43
N ASN C 112 -5.31 15.72 -15.62
CA ASN C 112 -6.31 16.42 -16.41
C ASN C 112 -7.67 16.49 -15.71
N ASN C 113 -8.17 15.34 -15.26
CA ASN C 113 -9.46 15.28 -14.59
C ASN C 113 -9.54 16.18 -13.36
N LEU C 114 -8.38 16.48 -12.77
CA LEU C 114 -8.33 17.36 -11.60
C LEU C 114 -8.18 18.81 -12.01
N CYS C 115 -8.26 19.06 -13.31
CA CYS C 115 -8.28 20.43 -13.83
C CYS C 115 -9.58 20.68 -14.58
N LYS C 116 -10.45 19.66 -14.60
CA LYS C 116 -11.75 19.76 -15.26
C LYS C 116 -12.76 20.48 -14.37
N PRO C 117 -13.88 20.95 -14.96
CA PRO C 117 -14.94 21.72 -14.30
C PRO C 117 -15.09 21.48 -12.79
N PRO C 118 -15.34 20.25 -12.35
CA PRO C 118 -15.60 20.04 -10.92
C PRO C 118 -14.36 20.25 -10.06
N TYR C 119 -13.19 20.32 -10.68
CA TYR C 119 -11.94 20.54 -9.95
C TYR C 119 -11.16 21.71 -10.54
N LYS C 120 -9.94 21.91 -10.03
CA LYS C 120 -9.09 22.98 -10.52
C LYS C 120 -7.63 22.78 -10.09
N LEU C 121 -6.75 23.67 -10.53
CA LEU C 121 -5.33 23.61 -10.17
C LEU C 121 -4.91 24.79 -9.31
N LEU C 122 -4.09 24.55 -8.30
CA LEU C 122 -3.69 25.60 -7.37
C LEU C 122 -2.21 25.98 -7.51
N GLN C 123 -1.31 25.03 -7.26
CA GLN C 123 0.11 25.28 -7.43
C GLN C 123 0.80 24.10 -8.10
N GLU C 124 1.83 24.41 -8.90
CA GLU C 124 2.52 23.37 -9.64
C GLU C 124 4.00 23.65 -9.79
N ASN C 125 4.82 22.77 -9.21
CA ASN C 125 6.25 22.83 -9.42
C ASN C 125 6.56 22.11 -10.71
N LYS C 126 6.74 22.89 -11.78
CA LYS C 126 6.89 22.37 -13.14
C LYS C 126 5.53 22.18 -13.80
N PRO C 127 5.49 22.34 -15.13
CA PRO C 127 4.25 22.26 -15.92
C PRO C 127 3.58 20.90 -15.82
N LEU C 128 3.74 20.07 -16.85
CA LEU C 128 3.11 18.75 -16.86
C LEU C 128 4.05 17.71 -17.46
N LEU C 129 3.55 16.98 -18.45
CA LEU C 129 4.33 15.95 -19.11
C LEU C 129 3.58 15.37 -20.31
#